data_1ZIV
#
_entry.id   1ZIV
#
_cell.length_a   45.308
_cell.length_b   80.900
_cell.length_c   100.545
_cell.angle_alpha   90.00
_cell.angle_beta   90.00
_cell.angle_gamma   90.00
#
_symmetry.space_group_name_H-M   'P 2 2 21'
#
loop_
_entity.id
_entity.type
_entity.pdbx_description
1 polymer 'Calpain 9'
2 non-polymer 'CALCIUM ION'
3 non-polymer BETA-MERCAPTOETHANOL
4 water water
#
_entity_poly.entity_id   1
_entity_poly.type   'polypeptide(L)'
_entity_poly.pdbx_seq_one_letter_code
;MGSSHHHHHHSSGLVPRGSSFEQMRQECLQRGTLFEDADFPASNSSLFYSERPQIPFVWKRPGEIVKNPEFILGGATRTD
ICQGELGDCWLLAAIASLTLNQKALARVIPQDQSFGPGYAGIFHFQFWQHSEWLDVVIDDRLPTFRDRLVFLHSADHNEF
WSALLEKAYAKLNGSYEALKGGSAIEAMEDFTGGVAETFQTKEAPENFYEILEKALKRGSLLGCFIDTRSAAESEARTPF
GLIKGHAYSVTGIDQVSFRGQRIELIRIRNPWGQVEWNGSWSDSSPEWRSVGPAEQKRLCHTALDDGEFWMAFKDFKAHF
DKVEICNLTPDALEEDAIH
;
_entity_poly.pdbx_strand_id   A
#
loop_
_chem_comp.id
_chem_comp.type
_chem_comp.name
_chem_comp.formula
BME non-polymer BETA-MERCAPTOETHANOL 'C2 H6 O S'
CA non-polymer 'CALCIUM ION' 'Ca 2'
#
# COMPACT_ATOMS: atom_id res chain seq x y z
N SER A 20 10.02 -23.58 13.23
CA SER A 20 9.29 -22.75 14.23
C SER A 20 10.14 -21.52 14.56
N PHE A 21 9.49 -20.42 14.90
CA PHE A 21 10.23 -19.20 15.20
C PHE A 21 10.91 -19.30 16.57
N GLU A 22 10.18 -19.86 17.54
CA GLU A 22 10.64 -19.93 18.92
C GLU A 22 11.85 -20.85 19.01
N GLN A 23 11.85 -21.87 18.16
CA GLN A 23 12.93 -22.84 18.12
C GLN A 23 14.19 -22.28 17.50
N MET A 24 14.03 -21.49 16.43
CA MET A 24 15.20 -20.89 15.77
C MET A 24 15.84 -19.83 16.67
N ARG A 25 15.01 -19.04 17.34
CA ARG A 25 15.47 -18.04 18.29
C ARG A 25 16.26 -18.74 19.41
N GLN A 26 15.67 -19.83 19.95
CA GLN A 26 16.29 -20.66 21.00
C GLN A 26 17.60 -21.29 20.56
N GLU A 27 17.62 -21.88 19.38
CA GLU A 27 18.85 -22.38 18.80
C GLU A 27 19.96 -21.33 18.78
N CYS A 28 19.72 -20.22 18.08
CA CYS A 28 20.67 -19.10 18.02
C CYS A 28 21.12 -18.63 19.40
N LEU A 29 20.18 -18.51 20.32
CA LEU A 29 20.46 -18.01 21.66
C LEU A 29 21.37 -18.98 22.45
N GLN A 30 21.07 -20.28 22.37
CA GLN A 30 21.90 -21.28 23.05
C GLN A 30 23.25 -21.48 22.36
N ARG A 31 23.35 -21.10 21.09
CA ARG A 31 24.62 -21.13 20.38
C ARG A 31 25.36 -19.80 20.36
N GLY A 32 24.79 -18.79 21.00
CA GLY A 32 25.39 -17.43 21.08
C GLY A 32 25.58 -16.67 19.77
N THR A 33 24.79 -17.03 18.76
CA THR A 33 24.91 -16.39 17.43
C THR A 33 23.62 -15.67 17.00
N LEU A 34 23.76 -14.76 16.01
CA LEU A 34 22.65 -14.01 15.42
C LEU A 34 22.13 -14.65 14.14
N PHE A 35 20.81 -14.75 14.03
CA PHE A 35 20.11 -15.47 12.96
C PHE A 35 20.39 -14.93 11.55
N GLU A 36 20.56 -15.85 10.61
CA GLU A 36 20.77 -15.49 9.20
C GLU A 36 19.78 -16.28 8.35
N ASP A 37 18.93 -15.56 7.64
CA ASP A 37 17.81 -16.17 6.91
C ASP A 37 18.28 -16.64 5.54
N ALA A 38 18.45 -17.96 5.40
CA ALA A 38 18.94 -18.54 4.15
C ALA A 38 17.92 -18.47 3.02
N ASP A 39 16.65 -18.35 3.40
CA ASP A 39 15.54 -18.21 2.46
C ASP A 39 15.40 -16.81 1.87
N PHE A 40 15.83 -15.78 2.61
CA PHE A 40 15.75 -14.39 2.16
C PHE A 40 16.99 -13.67 2.72
N PRO A 41 18.15 -13.85 2.06
CA PRO A 41 19.43 -13.35 2.57
C PRO A 41 19.72 -11.87 2.24
N ALA A 42 20.66 -11.30 2.98
CA ALA A 42 21.10 -9.93 2.81
C ALA A 42 21.96 -9.79 1.55
N SER A 43 21.30 -9.80 0.40
CA SER A 43 21.97 -9.72 -0.89
C SER A 43 21.04 -9.12 -1.94
N ASN A 44 21.59 -8.81 -3.11
CA ASN A 44 20.85 -8.13 -4.17
C ASN A 44 19.61 -8.82 -4.69
N SER A 45 19.58 -10.16 -4.67
CA SER A 45 18.42 -10.91 -5.17
C SER A 45 17.15 -10.66 -4.34
N SER A 46 17.33 -10.37 -3.05
CA SER A 46 16.23 -10.05 -2.15
C SER A 46 15.67 -8.66 -2.37
N LEU A 47 16.40 -7.83 -3.10
CA LEU A 47 15.96 -6.47 -3.31
C LEU A 47 15.34 -6.34 -4.70
N PHE A 48 16.03 -6.86 -5.72
CA PHE A 48 15.55 -6.67 -7.10
C PHE A 48 15.69 -7.88 -8.03
N TYR A 49 14.88 -7.85 -9.09
CA TYR A 49 15.01 -8.74 -10.23
C TYR A 49 15.31 -7.83 -11.44
N SER A 50 15.94 -6.69 -11.16
CA SER A 50 16.24 -5.61 -12.13
C SER A 50 15.09 -5.24 -13.07
N PRO A 53 18.10 -1.24 -10.49
CA PRO A 53 18.87 -1.86 -9.42
C PRO A 53 19.50 -0.87 -8.41
N GLN A 54 20.81 -0.98 -8.21
CA GLN A 54 21.48 -0.48 -6.99
C GLN A 54 21.62 1.04 -6.82
N ILE A 55 21.89 1.42 -5.56
CA ILE A 55 22.49 2.69 -5.14
C ILE A 55 23.26 2.34 -3.83
N PRO A 56 24.48 2.91 -3.62
CA PRO A 56 25.36 2.51 -2.51
C PRO A 56 24.68 2.25 -1.15
N PHE A 57 24.40 0.97 -0.88
CA PHE A 57 23.78 0.52 0.38
C PHE A 57 24.58 -0.62 1.00
N VAL A 58 24.56 -0.70 2.32
CA VAL A 58 25.10 -1.87 2.99
C VAL A 58 24.16 -2.42 4.08
N TRP A 59 24.06 -3.74 4.16
CA TRP A 59 23.17 -4.42 5.11
C TRP A 59 23.69 -4.40 6.54
N LYS A 60 22.90 -3.82 7.44
CA LYS A 60 23.25 -3.73 8.83
C LYS A 60 22.08 -4.06 9.77
N ARG A 61 22.41 -4.67 10.90
CA ARG A 61 21.43 -4.92 11.96
C ARG A 61 21.17 -3.63 12.72
N PRO A 62 19.96 -3.46 13.29
CA PRO A 62 19.63 -2.25 14.04
C PRO A 62 20.62 -1.85 15.15
N GLY A 63 21.21 -2.83 15.85
CA GLY A 63 22.09 -2.55 16.98
C GLY A 63 23.43 -1.98 16.52
N GLU A 64 23.72 -2.18 15.23
CA GLU A 64 24.91 -1.61 14.65
C GLU A 64 24.73 -0.25 13.95
N ILE A 65 23.51 0.31 13.98
CA ILE A 65 23.35 1.66 13.42
C ILE A 65 22.91 2.71 14.42
N VAL A 66 22.40 2.22 15.53
CA VAL A 66 21.97 3.04 16.63
C VAL A 66 22.39 2.26 17.89
N LYS A 67 22.51 2.94 19.02
CA LYS A 67 23.05 2.28 20.22
C LYS A 67 21.98 1.54 21.02
N ASN A 68 20.79 2.12 21.15
CA ASN A 68 19.70 1.41 21.80
C ASN A 68 18.48 1.19 20.89
N PRO A 69 18.58 0.20 19.99
CA PRO A 69 17.46 -0.06 19.05
C PRO A 69 16.24 -0.53 19.82
N GLU A 70 15.10 0.07 19.52
CA GLU A 70 13.83 -0.34 20.09
C GLU A 70 12.92 -0.91 19.00
N PHE A 71 12.16 -1.94 19.33
CA PHE A 71 11.23 -2.51 18.36
C PHE A 71 10.01 -1.59 18.20
N ILE A 72 9.23 -1.45 19.28
CA ILE A 72 8.10 -0.53 19.33
C ILE A 72 8.36 0.59 20.33
N LEU A 73 8.27 1.83 19.87
CA LEU A 73 8.59 2.97 20.70
C LEU A 73 7.41 3.96 20.77
N GLY A 74 6.89 4.18 21.98
CA GLY A 74 5.77 5.10 22.17
C GLY A 74 4.59 4.76 21.27
N GLY A 75 4.27 3.46 21.20
CA GLY A 75 3.25 2.96 20.29
C GLY A 75 3.69 2.73 18.84
N ALA A 76 2.95 1.85 18.18
CA ALA A 76 3.09 1.58 16.76
C ALA A 76 2.07 2.43 16.05
N THR A 77 2.47 3.59 15.53
CA THR A 77 1.49 4.54 15.02
C THR A 77 1.94 5.19 13.72
N ARG A 78 1.11 6.11 13.24
CA ARG A 78 1.28 6.69 11.91
C ARG A 78 2.56 7.49 11.73
N THR A 79 3.10 8.03 12.83
CA THR A 79 4.38 8.72 12.75
C THR A 79 5.58 7.78 12.49
N ASP A 80 5.37 6.46 12.54
CA ASP A 80 6.46 5.50 12.41
C ASP A 80 6.58 4.98 10.99
N ILE A 81 5.86 5.61 10.07
CA ILE A 81 5.70 5.11 8.69
C ILE A 81 6.19 6.21 7.75
N CYS A 82 7.48 6.20 7.43
CA CYS A 82 8.10 7.21 6.60
C CYS A 82 8.65 6.56 5.38
N GLN A 83 8.20 7.00 4.22
CA GLN A 83 8.62 6.38 2.97
C GLN A 83 10.15 6.39 2.73
N GLY A 84 10.63 5.29 2.16
CA GLY A 84 12.01 5.14 1.75
C GLY A 84 12.09 5.14 0.24
N GLU A 85 13.16 4.59 -0.31
CA GLU A 85 13.44 4.72 -1.73
C GLU A 85 12.57 3.87 -2.63
N LEU A 86 11.66 3.11 -2.03
CA LEU A 86 10.73 2.29 -2.79
C LEU A 86 9.52 3.15 -3.18
N GLY A 87 9.25 4.20 -2.42
CA GLY A 87 8.27 5.21 -2.82
C GLY A 87 7.21 5.45 -1.77
N ASP A 88 6.32 6.41 -2.03
CA ASP A 88 5.10 6.56 -1.23
C ASP A 88 4.05 5.55 -1.71
N CYS A 89 4.34 4.26 -1.52
CA CYS A 89 3.48 3.21 -2.05
C CYS A 89 2.07 3.27 -1.48
N TRP A 90 1.12 2.82 -2.27
CA TRP A 90 -0.24 2.66 -1.79
C TRP A 90 -0.28 1.66 -0.62
N LEU A 91 0.61 0.66 -0.65
CA LEU A 91 0.83 -0.23 0.50
C LEU A 91 1.00 0.49 1.87
N LEU A 92 1.61 1.67 1.85
CA LEU A 92 1.77 2.48 3.08
C LEU A 92 0.46 2.88 3.71
N ALA A 93 -0.55 3.13 2.88
CA ALA A 93 -1.89 3.46 3.34
C ALA A 93 -2.51 2.35 4.17
N ALA A 94 -2.25 1.09 3.79
CA ALA A 94 -2.74 -0.10 4.53
C ALA A 94 -2.09 -0.24 5.92
N ILE A 95 -0.76 -0.09 5.97
CA ILE A 95 -0.04 -0.12 7.26
C ILE A 95 -0.55 1.02 8.17
N ALA A 96 -0.79 2.17 7.58
CA ALA A 96 -1.39 3.32 8.30
C ALA A 96 -2.73 2.92 8.92
N SER A 97 -3.60 2.30 8.12
CA SER A 97 -4.91 1.82 8.60
C SER A 97 -4.82 0.67 9.59
N LEU A 98 -3.78 -0.15 9.48
CA LEU A 98 -3.51 -1.18 10.51
C LEU A 98 -3.26 -0.58 11.92
N THR A 99 -2.55 0.55 12.01
CA THR A 99 -2.31 1.18 13.32
C THR A 99 -3.61 1.70 13.98
N LEU A 100 -4.65 1.92 13.16
CA LEU A 100 -5.95 2.33 13.68
C LEU A 100 -6.75 1.14 14.19
N ASN A 101 -6.29 -0.06 13.87
CA ASN A 101 -6.90 -1.28 14.36
C ASN A 101 -5.85 -2.05 15.17
N GLN A 102 -5.65 -1.64 16.42
CA GLN A 102 -4.56 -2.15 17.26
C GLN A 102 -4.74 -3.61 17.64
N LYS A 103 -5.97 -4.07 17.60
CA LYS A 103 -6.26 -5.48 17.75
C LYS A 103 -5.73 -6.27 16.56
N ALA A 104 -6.03 -5.81 15.34
CA ALA A 104 -5.48 -6.43 14.11
C ALA A 104 -3.96 -6.30 14.06
N LEU A 105 -3.45 -5.14 14.47
CA LEU A 105 -2.01 -4.94 14.49
C LEU A 105 -1.26 -5.96 15.37
N ALA A 106 -1.87 -6.30 16.50
CA ALA A 106 -1.31 -7.30 17.42
C ALA A 106 -1.29 -8.72 16.84
N ARG A 107 -2.15 -9.03 15.86
CA ARG A 107 -2.06 -10.32 15.19
C ARG A 107 -0.91 -10.32 14.17
N VAL A 108 -0.79 -9.25 13.37
CA VAL A 108 0.28 -9.17 12.36
C VAL A 108 1.66 -9.12 13.01
N ILE A 109 1.73 -8.38 14.10
CA ILE A 109 2.97 -8.14 14.80
C ILE A 109 2.91 -8.73 16.23
N PRO A 110 3.40 -9.96 16.40
CA PRO A 110 3.45 -10.60 17.72
C PRO A 110 4.27 -9.77 18.70
N GLN A 111 3.76 -9.60 19.92
CA GLN A 111 4.42 -8.75 20.95
C GLN A 111 5.47 -9.49 21.82
N ASP A 112 5.72 -10.75 21.49
CA ASP A 112 6.75 -11.52 22.21
C ASP A 112 8.19 -11.09 21.84
N GLN A 113 8.38 -9.88 21.31
CA GLN A 113 9.64 -9.58 20.62
C GLN A 113 10.24 -8.19 20.83
N SER A 114 11.57 -8.12 20.80
CA SER A 114 12.30 -6.99 21.31
C SER A 114 13.81 -7.16 21.09
N PHE A 115 14.56 -6.06 21.22
CA PHE A 115 16.02 -6.09 21.19
C PHE A 115 16.64 -6.31 22.61
N GLY A 116 15.81 -6.61 23.60
CA GLY A 116 16.30 -6.83 24.96
C GLY A 116 16.78 -8.26 25.23
N PRO A 117 17.01 -8.61 26.51
CA PRO A 117 17.40 -9.99 26.85
C PRO A 117 16.51 -11.01 26.13
N GLY A 118 17.13 -11.91 25.37
CA GLY A 118 16.36 -12.87 24.56
C GLY A 118 16.50 -12.61 23.07
N TYR A 119 17.01 -11.42 22.72
CA TYR A 119 17.27 -11.04 21.35
C TYR A 119 18.30 -11.97 20.71
N ALA A 120 18.05 -12.37 19.46
CA ALA A 120 18.99 -13.19 18.69
C ALA A 120 19.00 -12.88 17.18
N GLY A 121 18.68 -11.64 16.80
CA GLY A 121 18.66 -11.19 15.38
C GLY A 121 17.56 -11.78 14.48
N ILE A 122 16.44 -12.13 15.09
CA ILE A 122 15.34 -12.81 14.39
C ILE A 122 13.96 -12.22 14.77
N PHE A 123 13.12 -11.96 13.78
CA PHE A 123 11.76 -11.51 14.08
C PHE A 123 10.77 -12.30 13.26
N HIS A 124 9.49 -12.16 13.57
CA HIS A 124 8.45 -12.80 12.74
C HIS A 124 7.16 -11.96 12.65
N PHE A 125 6.45 -12.10 11.54
CA PHE A 125 5.20 -11.44 11.32
C PHE A 125 4.17 -12.42 10.75
N GLN A 126 2.89 -12.08 10.89
CA GLN A 126 1.80 -12.95 10.42
C GLN A 126 0.91 -12.30 9.37
N PHE A 127 0.76 -13.01 8.25
CA PHE A 127 -0.02 -12.56 7.13
C PHE A 127 -1.06 -13.63 6.79
N TRP A 128 -2.33 -13.21 6.69
CA TRP A 128 -3.38 -14.11 6.28
C TRP A 128 -3.18 -14.45 4.82
N GLN A 129 -3.22 -15.73 4.51
CA GLN A 129 -2.96 -16.09 3.13
C GLN A 129 -4.19 -16.59 2.34
N HIS A 130 -4.89 -17.62 2.81
CA HIS A 130 -6.24 -17.86 2.23
C HIS A 130 -7.22 -18.43 3.23
N SER A 131 -6.71 -19.34 4.07
CA SER A 131 -7.48 -19.91 5.17
C SER A 131 -6.50 -20.24 6.31
N GLU A 132 -5.51 -19.36 6.48
CA GLU A 132 -4.45 -19.55 7.46
C GLU A 132 -3.59 -18.30 7.65
N TRP A 133 -3.25 -18.02 8.90
CA TRP A 133 -2.20 -17.05 9.26
C TRP A 133 -0.85 -17.67 9.08
N LEU A 134 -0.09 -17.14 8.14
CA LEU A 134 1.22 -17.65 7.82
C LEU A 134 2.24 -16.89 8.66
N ASP A 135 3.07 -17.62 9.40
CA ASP A 135 4.18 -17.02 10.16
C ASP A 135 5.35 -16.80 9.19
N VAL A 136 5.78 -15.56 9.03
CA VAL A 136 6.92 -15.24 8.17
C VAL A 136 8.09 -14.75 9.06
N VAL A 137 9.20 -15.46 8.98
CA VAL A 137 10.33 -15.27 9.87
C VAL A 137 11.38 -14.47 9.10
N ILE A 138 12.10 -13.55 9.74
CA ILE A 138 13.24 -12.83 9.09
C ILE A 138 14.42 -12.59 10.03
N ASP A 139 15.59 -12.31 9.44
CA ASP A 139 16.67 -11.73 10.25
C ASP A 139 16.56 -10.23 10.12
N ASP A 140 17.10 -9.51 11.11
CA ASP A 140 16.98 -8.05 11.17
C ASP A 140 18.05 -7.23 10.43
N ARG A 141 18.78 -7.85 9.51
CA ARG A 141 19.63 -7.08 8.58
C ARG A 141 18.81 -6.24 7.60
N LEU A 142 19.13 -4.95 7.52
CA LEU A 142 18.40 -4.01 6.67
C LEU A 142 19.32 -3.21 5.73
N PRO A 143 18.83 -2.86 4.53
CA PRO A 143 19.62 -1.96 3.67
C PRO A 143 19.83 -0.56 4.30
N THR A 144 21.05 -0.07 4.19
CA THR A 144 21.55 1.03 5.02
C THR A 144 22.44 1.96 4.17
N PHE A 145 22.38 3.27 4.43
CA PHE A 145 23.27 4.21 3.72
C PHE A 145 24.43 4.78 4.54
N ARG A 146 24.19 5.85 5.31
CA ARG A 146 25.21 6.43 6.19
C ARG A 146 24.76 6.09 7.61
N ASP A 147 24.73 4.79 7.93
CA ASP A 147 24.17 4.29 9.21
C ASP A 147 22.68 4.60 9.38
N ARG A 148 21.98 4.73 8.24
CA ARG A 148 20.57 5.13 8.25
C ARG A 148 19.76 4.30 7.27
N LEU A 149 18.52 4.01 7.65
CA LEU A 149 17.66 3.11 6.88
C LEU A 149 17.33 3.72 5.51
N VAL A 150 17.45 2.94 4.44
CA VAL A 150 17.13 3.47 3.11
C VAL A 150 15.65 3.26 2.67
N PHE A 151 15.04 2.17 3.15
CA PHE A 151 13.65 1.87 2.81
C PHE A 151 12.75 2.36 3.94
N LEU A 152 11.74 1.58 4.34
CA LEU A 152 10.76 2.10 5.31
C LEU A 152 11.39 2.28 6.69
N HIS A 153 10.99 3.35 7.37
CA HIS A 153 11.59 3.73 8.64
C HIS A 153 10.65 4.61 9.45
N SER A 154 10.86 4.63 10.75
CA SER A 154 10.12 5.47 11.69
C SER A 154 10.70 6.89 11.66
N ALA A 155 10.01 7.84 12.27
CA ALA A 155 10.54 9.19 12.32
C ALA A 155 11.50 9.18 13.49
N ASP A 156 11.31 8.20 14.36
CA ASP A 156 12.21 7.97 15.48
C ASP A 156 13.21 6.94 14.99
N HIS A 157 14.44 7.38 14.81
CA HIS A 157 15.46 6.56 14.17
C HIS A 157 15.96 5.37 15.04
N ASN A 158 15.60 5.39 16.33
CA ASN A 158 15.76 4.25 17.22
C ASN A 158 14.66 3.12 17.10
N GLU A 159 13.62 3.34 16.27
CA GLU A 159 12.46 2.42 16.21
C GLU A 159 12.44 1.63 14.92
N PHE A 160 12.28 0.31 15.04
CA PHE A 160 12.47 -0.61 13.90
C PHE A 160 11.27 -1.49 13.44
N TRP A 161 10.12 -1.46 14.12
CA TRP A 161 9.03 -2.37 13.72
C TRP A 161 8.57 -2.22 12.25
N SER A 162 8.44 -0.98 11.78
CA SER A 162 7.91 -0.73 10.43
C SER A 162 8.91 -1.16 9.36
N ALA A 163 10.19 -0.82 9.59
CA ALA A 163 11.26 -1.30 8.72
C ALA A 163 11.21 -2.81 8.59
N LEU A 164 11.07 -3.49 9.74
CA LEU A 164 11.02 -4.95 9.78
C LEU A 164 9.73 -5.53 9.18
N LEU A 165 8.57 -4.90 9.43
CA LEU A 165 7.33 -5.29 8.76
C LEU A 165 7.46 -5.32 7.24
N GLU A 166 8.00 -4.24 6.67
CA GLU A 166 8.21 -4.13 5.21
C GLU A 166 9.13 -5.22 4.68
N LYS A 167 10.20 -5.55 5.41
CA LYS A 167 11.09 -6.66 5.01
C LYS A 167 10.31 -7.98 4.99
N ALA A 168 9.49 -8.22 6.03
CA ALA A 168 8.70 -9.45 6.06
C ALA A 168 7.68 -9.54 4.89
N TYR A 169 7.04 -8.42 4.55
CA TYR A 169 6.08 -8.36 3.42
C TYR A 169 6.80 -8.48 2.07
N ALA A 170 7.98 -7.83 1.92
CA ALA A 170 8.82 -8.06 0.74
C ALA A 170 9.15 -9.54 0.58
N LYS A 171 9.47 -10.23 1.68
CA LYS A 171 9.77 -11.67 1.65
C LYS A 171 8.59 -12.55 1.19
N LEU A 172 7.41 -12.39 1.82
CA LEU A 172 6.18 -13.03 1.32
C LEU A 172 6.02 -12.82 -0.19
N ASN A 173 6.37 -11.63 -0.65
CA ASN A 173 6.22 -11.27 -2.07
C ASN A 173 7.43 -11.59 -2.93
N GLY A 174 8.51 -12.04 -2.31
CA GLY A 174 9.69 -12.51 -3.07
C GLY A 174 10.82 -11.50 -3.20
N SER A 175 10.50 -10.21 -3.11
CA SER A 175 11.52 -9.18 -3.12
C SER A 175 10.93 -7.85 -2.72
N TYR A 176 11.81 -6.89 -2.42
CA TYR A 176 11.38 -5.52 -2.20
C TYR A 176 10.73 -4.92 -3.47
N GLU A 177 11.30 -5.24 -4.62
CA GLU A 177 10.85 -4.66 -5.89
C GLU A 177 9.43 -5.14 -6.20
N ALA A 178 9.11 -6.38 -5.83
CA ALA A 178 7.76 -6.95 -5.99
C ALA A 178 6.65 -6.16 -5.27
N LEU A 179 7.04 -5.22 -4.42
CA LEU A 179 6.10 -4.42 -3.62
C LEU A 179 5.55 -3.18 -4.32
N LYS A 180 6.32 -2.60 -5.23
CA LYS A 180 5.84 -1.39 -5.92
C LYS A 180 4.77 -1.80 -6.91
N GLY A 181 3.73 -0.98 -7.06
CA GLY A 181 2.61 -1.36 -7.89
C GLY A 181 1.52 -2.17 -7.19
N GLY A 182 1.79 -2.62 -5.96
CA GLY A 182 0.79 -3.38 -5.19
C GLY A 182 -0.48 -2.63 -4.79
N SER A 183 -1.51 -3.39 -4.46
CA SER A 183 -2.79 -2.86 -4.04
C SER A 183 -2.83 -2.69 -2.53
N ALA A 184 -3.29 -1.55 -2.02
CA ALA A 184 -3.52 -1.43 -0.56
C ALA A 184 -4.60 -2.40 -0.08
N ILE A 185 -5.48 -2.77 -1.00
CA ILE A 185 -6.61 -3.61 -0.67
C ILE A 185 -6.14 -5.02 -0.39
N GLU A 186 -5.31 -5.51 -1.29
CA GLU A 186 -4.69 -6.78 -1.15
C GLU A 186 -3.86 -6.87 0.15
N ALA A 187 -3.03 -5.87 0.41
CA ALA A 187 -2.32 -5.81 1.70
C ALA A 187 -3.25 -5.80 2.90
N MET A 188 -4.34 -5.02 2.84
CA MET A 188 -5.30 -4.98 3.96
C MET A 188 -5.96 -6.34 4.20
N GLU A 189 -6.20 -7.08 3.13
CA GLU A 189 -6.66 -8.48 3.22
C GLU A 189 -5.61 -9.37 3.91
N ASP A 190 -4.34 -9.24 3.52
CA ASP A 190 -3.24 -9.95 4.16
C ASP A 190 -3.10 -9.59 5.63
N PHE A 191 -3.44 -8.34 6.00
CA PHE A 191 -3.27 -7.85 7.39
C PHE A 191 -4.39 -8.17 8.39
N THR A 192 -5.58 -8.54 7.90
CA THR A 192 -6.76 -8.62 8.76
C THR A 192 -7.45 -9.95 8.68
N GLY A 193 -7.28 -10.66 7.56
CA GLY A 193 -8.08 -11.85 7.23
C GLY A 193 -9.41 -11.56 6.55
N GLY A 194 -9.80 -10.29 6.40
CA GLY A 194 -11.01 -9.88 5.65
C GLY A 194 -10.90 -10.00 4.13
N VAL A 195 -12.01 -9.76 3.45
CA VAL A 195 -12.07 -9.91 2.00
C VAL A 195 -12.78 -8.66 1.47
N ALA A 196 -12.23 -8.02 0.45
CA ALA A 196 -12.87 -6.87 -0.15
C ALA A 196 -14.04 -7.39 -0.97
N GLU A 197 -15.13 -6.63 -1.03
CA GLU A 197 -16.19 -6.96 -1.96
C GLU A 197 -15.80 -6.47 -3.34
N THR A 198 -16.11 -7.25 -4.37
CA THR A 198 -15.82 -6.83 -5.73
C THR A 198 -17.07 -6.68 -6.61
N PHE A 199 -17.09 -5.62 -7.41
CA PHE A 199 -18.21 -5.31 -8.30
C PHE A 199 -17.67 -5.14 -9.71
N GLN A 200 -18.46 -5.61 -10.66
CA GLN A 200 -18.24 -5.40 -12.07
C GLN A 200 -18.98 -4.14 -12.50
N THR A 201 -18.22 -3.19 -13.05
CA THR A 201 -18.77 -1.89 -13.44
C THR A 201 -19.90 -1.99 -14.48
N LYS A 202 -19.82 -2.96 -15.38
CA LYS A 202 -20.79 -3.07 -16.48
C LYS A 202 -21.97 -4.00 -16.14
N GLU A 203 -21.95 -4.57 -14.94
CA GLU A 203 -23.01 -5.42 -14.43
C GLU A 203 -23.27 -5.04 -12.96
N ALA A 204 -23.41 -3.74 -12.70
CA ALA A 204 -23.42 -3.20 -11.34
C ALA A 204 -24.84 -2.95 -10.84
N PRO A 205 -25.05 -2.93 -9.50
CA PRO A 205 -26.38 -2.63 -8.98
C PRO A 205 -26.85 -1.27 -9.40
N GLU A 206 -28.16 -1.10 -9.44
CA GLU A 206 -28.82 0.13 -9.88
C GLU A 206 -28.41 1.31 -8.99
N ASN A 207 -28.24 1.05 -7.69
CA ASN A 207 -27.72 2.08 -6.77
C ASN A 207 -26.17 2.09 -6.59
N PHE A 208 -25.42 1.74 -7.63
CA PHE A 208 -23.95 1.62 -7.54
C PHE A 208 -23.31 2.91 -7.01
N TYR A 209 -23.80 4.06 -7.49
CA TYR A 209 -23.34 5.37 -7.02
C TYR A 209 -23.42 5.53 -5.49
N GLU A 210 -24.58 5.21 -4.93
CA GLU A 210 -24.85 5.39 -3.49
C GLU A 210 -24.05 4.41 -2.65
N ILE A 211 -23.92 3.18 -3.13
CA ILE A 211 -23.05 2.20 -2.51
C ILE A 211 -21.62 2.74 -2.40
N LEU A 212 -21.08 3.26 -3.51
CA LEU A 212 -19.72 3.79 -3.48
C LEU A 212 -19.64 4.98 -2.55
N GLU A 213 -20.68 5.81 -2.58
CA GLU A 213 -20.70 7.04 -1.78
C GLU A 213 -20.63 6.70 -0.29
N LYS A 214 -21.45 5.73 0.14
CA LYS A 214 -21.53 5.31 1.54
C LYS A 214 -20.23 4.67 2.02
N ALA A 215 -19.63 3.82 1.17
CA ALA A 215 -18.35 3.21 1.48
C ALA A 215 -17.31 4.29 1.71
N LEU A 216 -17.26 5.29 0.84
CA LEU A 216 -16.29 6.37 1.01
C LEU A 216 -16.53 7.12 2.35
N LYS A 217 -17.79 7.50 2.61
CA LYS A 217 -18.13 8.26 3.82
C LYS A 217 -17.80 7.49 5.10
N ARG A 218 -17.96 6.16 5.02
CA ARG A 218 -17.67 5.21 6.08
C ARG A 218 -16.17 5.08 6.44
N GLY A 219 -15.28 5.46 5.53
CA GLY A 219 -13.84 5.24 5.73
C GLY A 219 -13.23 3.99 5.08
N SER A 220 -13.98 3.28 4.25
CA SER A 220 -13.45 2.13 3.50
C SER A 220 -12.34 2.48 2.52
N LEU A 221 -11.46 1.52 2.25
CA LEU A 221 -10.54 1.56 1.10
C LEU A 221 -11.27 1.09 -0.16
N LEU A 222 -11.15 1.87 -1.23
CA LEU A 222 -11.73 1.52 -2.54
C LEU A 222 -10.67 1.51 -3.62
N GLY A 223 -10.66 0.44 -4.42
CA GLY A 223 -9.77 0.31 -5.57
C GLY A 223 -10.55 0.02 -6.85
N CYS A 224 -9.94 0.31 -7.98
CA CYS A 224 -10.54 0.02 -9.30
C CYS A 224 -9.48 -0.40 -10.32
N PHE A 225 -9.85 -1.25 -11.27
CA PHE A 225 -8.88 -1.90 -12.15
C PHE A 225 -9.50 -2.04 -13.52
N ILE A 226 -8.63 -2.19 -14.51
CA ILE A 226 -9.04 -2.59 -15.83
C ILE A 226 -8.46 -4.00 -16.05
N ASP A 227 -9.33 -4.95 -16.42
CA ASP A 227 -8.95 -6.33 -16.73
C ASP A 227 -8.03 -6.43 -17.92
N THR A 228 -7.08 -7.35 -17.82
CA THR A 228 -6.19 -7.70 -18.92
C THR A 228 -6.74 -9.00 -19.52
N ARG A 229 -6.78 -9.06 -20.84
CA ARG A 229 -7.21 -10.26 -21.54
C ARG A 229 -6.07 -11.28 -21.69
N SER A 230 -4.85 -10.83 -21.41
CA SER A 230 -3.68 -11.69 -21.31
C SER A 230 -2.50 -10.90 -20.71
N ALA A 231 -1.48 -11.65 -20.30
CA ALA A 231 -0.21 -11.09 -19.86
C ALA A 231 0.30 -9.95 -20.72
N ALA A 232 0.01 -10.00 -22.04
CA ALA A 232 0.38 -8.92 -22.99
C ALA A 232 -0.11 -7.56 -22.55
N GLU A 233 -1.31 -7.52 -21.99
CA GLU A 233 -1.98 -6.27 -21.62
C GLU A 233 -1.50 -5.66 -20.31
N SER A 234 -0.71 -6.42 -19.56
CA SER A 234 -0.17 -5.97 -18.29
C SER A 234 0.65 -4.68 -18.45
N GLU A 235 0.27 -3.66 -17.68
CA GLU A 235 0.77 -2.28 -17.79
C GLU A 235 0.63 -1.62 -19.18
N ALA A 236 -0.34 -2.09 -19.98
CA ALA A 236 -0.62 -1.40 -21.26
C ALA A 236 -1.40 -0.08 -21.07
N ARG A 237 -0.95 0.98 -21.74
CA ARG A 237 -1.61 2.26 -21.63
C ARG A 237 -2.63 2.34 -22.74
N THR A 238 -3.80 2.90 -22.44
CA THR A 238 -4.86 3.11 -23.44
C THR A 238 -4.74 4.54 -23.99
N PRO A 239 -5.38 4.82 -25.14
CA PRO A 239 -5.31 6.19 -25.68
C PRO A 239 -5.94 7.26 -24.77
N PHE A 240 -6.80 6.86 -23.84
CA PHE A 240 -7.41 7.76 -22.87
C PHE A 240 -6.52 8.06 -21.64
N GLY A 241 -5.31 7.49 -21.62
CA GLY A 241 -4.36 7.76 -20.53
C GLY A 241 -4.61 6.91 -19.28
N LEU A 242 -5.26 5.76 -19.45
CA LEU A 242 -5.45 4.81 -18.39
C LEU A 242 -4.54 3.60 -18.63
N ILE A 243 -4.29 2.82 -17.58
CA ILE A 243 -3.33 1.71 -17.65
C ILE A 243 -4.01 0.43 -17.21
N LYS A 244 -3.91 -0.61 -18.03
CA LYS A 244 -4.54 -1.90 -17.75
C LYS A 244 -3.75 -2.72 -16.71
N GLY A 245 -4.45 -3.54 -15.94
CA GLY A 245 -3.82 -4.38 -14.92
C GLY A 245 -2.98 -3.55 -13.97
N HIS A 246 -3.48 -2.35 -13.62
CA HIS A 246 -2.74 -1.40 -12.79
C HIS A 246 -3.71 -0.99 -11.68
N ALA A 247 -3.25 -1.02 -10.43
CA ALA A 247 -4.09 -0.63 -9.30
C ALA A 247 -4.34 0.89 -9.22
N TYR A 248 -5.61 1.28 -9.12
CA TYR A 248 -5.98 2.68 -8.85
C TYR A 248 -6.83 2.73 -7.59
N SER A 249 -6.96 3.90 -7.00
CA SER A 249 -7.73 4.13 -5.82
C SER A 249 -8.89 5.06 -6.16
N VAL A 250 -10.08 4.78 -5.62
CA VAL A 250 -11.23 5.72 -5.73
C VAL A 250 -11.23 6.64 -4.53
N THR A 251 -11.17 7.96 -4.75
CA THR A 251 -11.02 8.94 -3.64
C THR A 251 -12.18 9.92 -3.41
N GLY A 252 -13.12 10.00 -4.35
CA GLY A 252 -14.24 10.92 -4.24
C GLY A 252 -15.36 10.49 -5.16
N ILE A 253 -16.56 10.97 -4.86
CA ILE A 253 -17.72 10.81 -5.72
C ILE A 253 -18.65 11.99 -5.41
N ASP A 254 -19.24 12.58 -6.46
CA ASP A 254 -20.03 13.81 -6.32
C ASP A 254 -20.93 14.04 -7.53
N GLN A 255 -21.68 15.15 -7.50
CA GLN A 255 -22.56 15.55 -8.59
C GLN A 255 -22.32 17.00 -8.92
N VAL A 256 -22.45 17.37 -10.19
CA VAL A 256 -22.42 18.76 -10.60
C VAL A 256 -23.56 19.12 -11.56
N SER A 257 -23.84 20.42 -11.56
CA SER A 257 -24.66 21.07 -12.57
C SER A 257 -23.78 21.46 -13.74
N PHE A 258 -23.99 20.77 -14.84
CA PHE A 258 -23.23 21.05 -16.05
C PHE A 258 -24.26 21.29 -17.14
N ARG A 259 -24.28 22.53 -17.63
CA ARG A 259 -25.19 22.94 -18.71
C ARG A 259 -26.65 22.53 -18.42
N GLY A 260 -27.12 22.80 -17.19
CA GLY A 260 -28.51 22.48 -16.80
C GLY A 260 -28.83 21.03 -16.46
N GLN A 261 -27.82 20.15 -16.43
CA GLN A 261 -28.05 18.77 -16.03
C GLN A 261 -27.23 18.38 -14.79
N ARG A 262 -27.73 17.34 -14.11
CA ARG A 262 -27.08 16.74 -12.95
C ARG A 262 -26.14 15.65 -13.46
N ILE A 263 -24.84 15.87 -13.36
CA ILE A 263 -23.85 14.89 -13.77
C ILE A 263 -23.15 14.28 -12.55
N GLU A 264 -23.16 12.95 -12.48
CA GLU A 264 -22.38 12.21 -11.47
C GLU A 264 -20.92 12.09 -11.90
N LEU A 265 -20.03 12.45 -10.98
CA LEU A 265 -18.58 12.43 -11.20
C LEU A 265 -17.91 11.46 -10.20
N ILE A 266 -16.72 10.97 -10.52
CA ILE A 266 -15.96 10.14 -9.58
C ILE A 266 -14.48 10.55 -9.61
N ARG A 267 -13.82 10.54 -8.45
CA ARG A 267 -12.41 10.95 -8.35
C ARG A 267 -11.49 9.77 -8.11
N ILE A 268 -10.48 9.65 -8.96
CA ILE A 268 -9.62 8.47 -9.08
C ILE A 268 -8.17 8.92 -8.83
N ARG A 269 -7.43 8.15 -8.03
CA ARG A 269 -6.02 8.43 -7.86
C ARG A 269 -5.19 7.29 -8.41
N ASN A 270 -4.26 7.64 -9.29
CA ASN A 270 -3.21 6.74 -9.74
C ASN A 270 -2.07 6.82 -8.70
N PRO A 271 -1.84 5.73 -7.94
CA PRO A 271 -0.87 5.74 -6.83
C PRO A 271 0.54 5.34 -7.21
N TRP A 272 0.75 4.95 -8.48
CA TRP A 272 2.04 4.45 -8.97
C TRP A 272 2.38 5.10 -10.33
N GLY A 273 3.10 6.22 -10.25
CA GLY A 273 3.33 7.12 -11.40
C GLY A 273 2.21 8.15 -11.49
N GLN A 274 2.25 9.01 -12.51
CA GLN A 274 1.29 10.11 -12.56
C GLN A 274 0.51 10.25 -13.88
N VAL A 275 0.52 9.21 -14.72
CA VAL A 275 -0.32 9.15 -15.91
C VAL A 275 -1.80 9.38 -15.49
N GLU A 276 -2.47 10.27 -16.19
CA GLU A 276 -3.88 10.58 -15.93
C GLU A 276 -4.78 10.43 -17.17
N TRP A 277 -6.06 10.15 -16.90
CA TRP A 277 -7.16 10.31 -17.83
C TRP A 277 -7.08 11.63 -18.56
N ASN A 278 -7.37 11.59 -19.87
CA ASN A 278 -7.27 12.75 -20.75
C ASN A 278 -8.60 13.08 -21.49
N GLY A 279 -9.70 12.49 -21.05
CA GLY A 279 -11.01 12.72 -21.64
C GLY A 279 -11.81 13.72 -20.85
N SER A 280 -13.13 13.60 -20.91
CA SER A 280 -14.03 14.54 -20.24
C SER A 280 -13.78 14.58 -18.75
N TRP A 281 -13.71 15.81 -18.23
CA TRP A 281 -13.47 16.13 -16.84
C TRP A 281 -12.02 15.95 -16.41
N SER A 282 -11.12 15.70 -17.37
CA SER A 282 -9.70 15.68 -17.04
C SER A 282 -9.25 17.08 -16.68
N ASP A 283 -8.00 17.17 -16.26
CA ASP A 283 -7.48 18.35 -15.58
C ASP A 283 -7.70 19.67 -16.34
N SER A 284 -7.39 19.65 -17.65
CA SER A 284 -7.45 20.83 -18.52
C SER A 284 -8.70 20.86 -19.41
N SER A 285 -9.66 19.99 -19.15
CA SER A 285 -10.79 19.86 -20.02
C SER A 285 -11.74 21.05 -19.96
N PRO A 286 -12.49 21.29 -21.07
CA PRO A 286 -13.47 22.40 -21.15
C PRO A 286 -14.67 22.24 -20.20
N GLU A 287 -14.91 21.01 -19.71
CA GLU A 287 -15.98 20.81 -18.70
C GLU A 287 -15.76 21.65 -17.44
N TRP A 288 -14.52 21.68 -16.97
CA TRP A 288 -14.17 22.44 -15.78
C TRP A 288 -14.38 23.96 -15.98
N ARG A 289 -14.01 24.46 -17.17
CA ARG A 289 -14.23 25.87 -17.57
C ARG A 289 -15.71 26.16 -17.70
N SER A 290 -16.46 25.19 -18.17
CA SER A 290 -17.90 25.38 -18.34
C SER A 290 -18.68 25.57 -17.02
N VAL A 291 -18.23 24.91 -15.97
CA VAL A 291 -19.03 24.74 -14.76
C VAL A 291 -18.90 25.98 -13.82
N GLY A 292 -19.99 26.35 -13.13
CA GLY A 292 -20.05 27.50 -12.20
C GLY A 292 -18.88 27.78 -11.25
N PRO A 293 -18.55 29.08 -11.01
CA PRO A 293 -17.22 29.48 -10.46
C PRO A 293 -16.84 28.79 -9.15
N ALA A 294 -17.83 28.70 -8.26
CA ALA A 294 -17.69 28.07 -6.98
C ALA A 294 -17.33 26.61 -7.18
N GLU A 295 -18.17 25.93 -7.98
CA GLU A 295 -18.19 24.46 -8.07
C GLU A 295 -16.88 23.78 -8.38
N GLN A 296 -16.01 24.52 -9.02
CA GLN A 296 -14.65 24.13 -9.23
C GLN A 296 -13.86 24.05 -7.87
N LYS A 297 -14.15 25.00 -6.98
CA LYS A 297 -13.60 25.01 -5.61
C LYS A 297 -14.36 24.06 -4.68
N ARG A 298 -15.68 23.96 -4.84
CA ARG A 298 -16.46 22.98 -4.12
C ARG A 298 -15.85 21.56 -4.25
N LEU A 299 -15.47 21.18 -5.47
CA LEU A 299 -14.91 19.85 -5.70
C LEU A 299 -13.41 19.86 -5.57
N CYS A 300 -12.86 21.01 -5.19
CA CYS A 300 -11.45 21.18 -4.88
C CYS A 300 -10.58 20.80 -6.07
N HIS A 301 -10.99 21.26 -7.24
CA HIS A 301 -10.26 20.88 -8.42
C HIS A 301 -9.14 21.86 -8.80
N THR A 302 -8.00 21.29 -9.17
CA THR A 302 -6.89 22.08 -9.69
C THR A 302 -6.17 21.21 -10.69
N ALA A 303 -5.57 21.81 -11.71
CA ALA A 303 -4.89 21.05 -12.72
C ALA A 303 -3.45 20.83 -12.28
N LEU A 304 -3.13 19.62 -11.84
CA LEU A 304 -1.74 19.30 -11.45
C LEU A 304 -1.42 17.92 -11.94
N ASP A 305 -0.15 17.69 -12.31
CA ASP A 305 0.33 16.34 -12.60
C ASP A 305 0.59 15.55 -11.30
N ASP A 306 -0.48 15.21 -10.59
CA ASP A 306 -0.36 14.50 -9.34
C ASP A 306 -0.85 13.03 -9.45
N GLY A 307 -1.28 12.60 -10.63
CA GLY A 307 -1.88 11.24 -10.78
C GLY A 307 -3.34 11.17 -10.35
N GLU A 308 -3.89 12.29 -9.88
CA GLU A 308 -5.28 12.31 -9.46
C GLU A 308 -6.20 13.09 -10.44
N PHE A 309 -7.43 12.61 -10.64
CA PHE A 309 -8.33 13.21 -11.65
C PHE A 309 -9.79 12.88 -11.41
N TRP A 310 -10.70 13.67 -12.01
CA TRP A 310 -12.11 13.35 -12.13
C TRP A 310 -12.46 12.69 -13.48
N MET A 311 -13.51 11.86 -13.47
CA MET A 311 -14.17 11.40 -14.69
C MET A 311 -15.70 11.42 -14.46
N ALA A 312 -16.47 11.50 -15.54
CA ALA A 312 -17.91 11.21 -15.41
C ALA A 312 -18.04 9.77 -14.95
N PHE A 313 -18.96 9.55 -14.01
CA PHE A 313 -19.24 8.19 -13.50
C PHE A 313 -19.65 7.22 -14.62
N LYS A 314 -20.36 7.70 -15.64
CA LYS A 314 -20.64 6.86 -16.82
C LYS A 314 -19.39 6.49 -17.64
N ASP A 315 -18.43 7.40 -17.77
CA ASP A 315 -17.18 7.07 -18.42
C ASP A 315 -16.36 6.12 -17.57
N PHE A 316 -16.32 6.38 -16.26
CA PHE A 316 -15.73 5.44 -15.32
C PHE A 316 -16.20 4.00 -15.58
N LYS A 317 -17.52 3.77 -15.57
CA LYS A 317 -18.07 2.41 -15.75
C LYS A 317 -17.78 1.80 -17.12
N ALA A 318 -17.65 2.64 -18.15
CA ALA A 318 -17.30 2.16 -19.48
C ALA A 318 -15.81 1.78 -19.60
N HIS A 319 -14.94 2.54 -18.94
CA HIS A 319 -13.48 2.33 -19.11
C HIS A 319 -12.83 1.38 -18.06
N PHE A 320 -13.33 1.40 -16.82
CA PHE A 320 -12.87 0.47 -15.79
C PHE A 320 -13.72 -0.79 -15.80
N ASP A 321 -13.17 -1.90 -15.29
CA ASP A 321 -13.92 -3.15 -15.21
C ASP A 321 -14.40 -3.57 -13.83
N LYS A 322 -13.59 -3.25 -12.80
CA LYS A 322 -13.84 -3.76 -11.44
C LYS A 322 -13.65 -2.70 -10.39
N VAL A 323 -14.47 -2.79 -9.35
CA VAL A 323 -14.28 -2.03 -8.13
C VAL A 323 -14.16 -2.98 -6.91
N GLU A 324 -13.22 -2.67 -6.02
CA GLU A 324 -13.02 -3.41 -4.78
C GLU A 324 -13.23 -2.53 -3.57
N ILE A 325 -14.18 -2.91 -2.72
CA ILE A 325 -14.44 -2.16 -1.51
C ILE A 325 -14.01 -2.96 -0.31
N CYS A 326 -13.12 -2.36 0.48
CA CYS A 326 -12.54 -3.03 1.62
C CYS A 326 -13.02 -2.31 2.88
N ASN A 327 -14.09 -2.81 3.51
CA ASN A 327 -14.65 -2.14 4.69
C ASN A 327 -13.79 -2.42 5.93
N LEU A 328 -13.34 -1.36 6.59
CA LEU A 328 -12.50 -1.50 7.77
C LEU A 328 -13.42 -1.61 9.00
N THR A 329 -13.79 -2.86 9.33
CA THR A 329 -14.85 -3.16 10.33
C THR A 329 -16.04 -2.21 10.24
CA CA B . -4.19 15.69 -11.86
CA CA C . 6.34 4.69 17.50
C1 BME D . 7.34 1.54 1.72
C2 BME D . 7.12 0.28 0.88
O1 BME D . 8.31 2.45 1.16
S2 BME D . 6.45 0.64 -0.77
C1 BME E . -11.65 -5.67 4.88
C2 BME E . -11.02 -6.53 3.81
O1 BME E . -10.95 -5.88 6.09
S2 BME E . -9.98 -5.52 2.72
#